data_6JMP
#
_entry.id   6JMP
#
_cell.length_a   24.480
_cell.length_b   84.730
_cell.length_c   214.620
_cell.angle_alpha   90.00
_cell.angle_beta   90.00
_cell.angle_gamma   90.00
#
_symmetry.space_group_name_H-M   'P 21 21 21'
#
loop_
_entity.id
_entity.type
_entity.pdbx_description
1 polymer 'Thiol-activated cytolysin'
2 non-polymer GLYCEROL
3 water water
#
_entity_poly.entity_id   1
_entity_poly.type   'polypeptide(L)'
_entity_poly.pdbx_seq_one_letter_code
;MANKAVNDFILAMNYDKKKLLTHQGESIENRFIKEGNQLPDEFVVIERKKRSLSTNTSDISVTATNDSRLYPGALLVVDE
TLLENNPTLLAVDRAPMTYSIDLPGLASSDSFLQVEDPSNSSVRGAVNDLLAKWHQDYGQVNNVPARMQHEKITAHSMEQ
LKVKFGSDFEKIGNSLDIDFNSVHSGEKQIQIVNFKQIYYTVSVDAVKNPGDVFQDTVTVEDLRQRGISAERPLVYISSV
AYGRQVYLKLETTSKSDEVEAAFESLIKGVAPQTEWKQILDNTEVKAVILGGDPSSGARVVTGKVDMVEDLIQEGSRFTA
DHPGLPISYTTSFLRDNVVATFQNSTDYVETKVTAYRNGDLLLDHSGAYVAQYYITWDELSYDHQGKEVLTPKAWDRNGQ
DLTAHFTTSIPLKGNVRNLSVKIRECTGLAWEWWRTVYEKTDLPLVRKRTISIWGTTLYPQVEDKVEND
;
_entity_poly.pdbx_strand_id   A
#
loop_
_chem_comp.id
_chem_comp.type
_chem_comp.name
_chem_comp.formula
GOL non-polymer GLYCEROL 'C3 H8 O3'
#
# COMPACT_ATOMS: atom_id res chain seq x y z
N MET A 1 -37.26 -7.08 -39.13
CA MET A 1 -37.47 -6.21 -37.90
CA MET A 1 -37.45 -6.11 -38.01
C MET A 1 -36.13 -5.78 -37.31
N ALA A 2 -36.08 -4.55 -36.79
CA ALA A 2 -34.84 -3.96 -36.29
C ALA A 2 -34.22 -4.73 -35.13
N ASN A 3 -35.04 -5.08 -34.13
CA ASN A 3 -34.54 -5.75 -32.94
C ASN A 3 -33.96 -7.16 -33.20
N LYS A 4 -34.59 -7.93 -34.08
CA LYS A 4 -34.08 -9.24 -34.46
C LYS A 4 -32.70 -9.11 -35.13
N ALA A 5 -32.54 -8.09 -35.97
CA ALA A 5 -31.25 -7.83 -36.63
C ALA A 5 -30.18 -7.45 -35.60
N VAL A 6 -30.53 -6.56 -34.68
CA VAL A 6 -29.61 -6.20 -33.60
C VAL A 6 -29.23 -7.44 -32.78
N ASN A 7 -30.23 -8.23 -32.41
CA ASN A 7 -30.00 -9.49 -31.71
C ASN A 7 -28.99 -10.37 -32.44
N ASP A 8 -29.24 -10.61 -33.72
CA ASP A 8 -28.36 -11.45 -34.55
C ASP A 8 -26.97 -10.84 -34.72
N PHE A 9 -26.91 -9.51 -34.81
CA PHE A 9 -25.64 -8.78 -34.92
C PHE A 9 -24.74 -9.05 -33.71
N ILE A 10 -25.29 -8.97 -32.51
CA ILE A 10 -24.52 -9.20 -31.29
C ILE A 10 -24.13 -10.68 -31.15
N LEU A 11 -25.07 -11.58 -31.43
CA LEU A 11 -24.83 -13.02 -31.32
CA LEU A 11 -24.81 -13.03 -31.31
C LEU A 11 -23.75 -13.52 -32.30
N ALA A 12 -23.65 -12.86 -33.45
CA ALA A 12 -22.69 -13.24 -34.49
C ALA A 12 -21.22 -12.90 -34.15
N MET A 13 -21.02 -11.99 -33.20
CA MET A 13 -19.68 -11.51 -32.84
C MET A 13 -18.80 -12.57 -32.19
N ASN A 14 -17.62 -12.78 -32.76
CA ASN A 14 -16.58 -13.57 -32.11
C ASN A 14 -15.37 -12.68 -31.82
N TYR A 15 -14.88 -12.76 -30.59
CA TYR A 15 -13.76 -11.94 -30.15
C TYR A 15 -13.03 -12.67 -29.02
N ASP A 16 -11.80 -12.20 -28.74
CA ASP A 16 -10.95 -12.79 -27.71
C ASP A 16 -11.14 -11.94 -26.45
N LYS A 17 -11.93 -12.46 -25.51
CA LYS A 17 -12.30 -11.72 -24.30
C LYS A 17 -11.08 -11.37 -23.46
N LYS A 18 -10.12 -12.29 -23.40
CA LYS A 18 -8.88 -12.09 -22.65
C LYS A 18 -8.01 -11.01 -23.26
N LYS A 19 -7.77 -11.10 -24.56
CA LYS A 19 -6.93 -10.13 -25.27
C LYS A 19 -7.53 -8.72 -25.23
N LEU A 20 -8.85 -8.62 -25.41
CA LEU A 20 -9.53 -7.32 -25.34
C LEU A 20 -9.44 -6.66 -23.97
N LEU A 21 -9.28 -7.46 -22.91
CA LEU A 21 -9.28 -6.97 -21.54
C LEU A 21 -7.92 -7.02 -20.84
N THR A 22 -6.85 -7.19 -21.63
CA THR A 22 -5.49 -7.26 -21.09
C THR A 22 -4.77 -5.94 -21.35
N HIS A 23 -4.05 -5.46 -20.34
CA HIS A 23 -3.23 -4.27 -20.46
C HIS A 23 -1.85 -4.52 -19.84
N GLN A 24 -0.84 -3.97 -20.49
CA GLN A 24 0.56 -4.16 -20.10
C GLN A 24 1.07 -2.82 -19.60
N GLY A 25 1.62 -2.81 -18.39
CA GLY A 25 2.19 -1.60 -17.81
C GLY A 25 3.57 -1.33 -18.35
N GLU A 26 4.32 -0.50 -17.63
CA GLU A 26 5.68 -0.14 -18.06
C GLU A 26 6.64 -1.32 -17.94
N SER A 27 7.54 -1.43 -18.91
CA SER A 27 8.54 -2.50 -18.96
C SER A 27 9.87 -1.97 -18.45
N ILE A 28 10.36 -2.56 -17.37
CA ILE A 28 11.65 -2.19 -16.78
C ILE A 28 12.59 -3.39 -16.89
N GLU A 29 13.80 -3.15 -17.39
CA GLU A 29 14.82 -4.20 -17.52
C GLU A 29 15.18 -4.74 -16.14
N ASN A 30 15.66 -5.97 -16.07
CA ASN A 30 15.94 -6.62 -14.79
C ASN A 30 17.18 -6.01 -14.12
N ARG A 31 17.03 -5.63 -12.86
CA ARG A 31 18.08 -4.92 -12.11
C ARG A 31 18.15 -5.36 -10.65
N PHE A 32 19.31 -5.11 -10.06
CA PHE A 32 19.52 -5.26 -8.63
C PHE A 32 20.74 -4.44 -8.26
N ILE A 33 20.51 -3.36 -7.51
CA ILE A 33 21.58 -2.57 -6.90
C ILE A 33 21.44 -2.63 -5.38
N LYS A 34 22.57 -2.77 -4.70
CA LYS A 34 22.66 -2.63 -3.25
C LYS A 34 23.43 -1.35 -2.98
N GLU A 35 22.80 -0.41 -2.28
CA GLU A 35 23.37 0.91 -2.05
C GLU A 35 23.39 1.26 -0.56
N GLY A 36 24.46 1.92 -0.14
CA GLY A 36 24.59 2.45 1.21
C GLY A 36 24.26 3.93 1.22
N ASN A 37 23.65 4.39 2.31
CA ASN A 37 23.43 5.81 2.55
C ASN A 37 23.40 6.08 4.06
N GLN A 38 24.15 7.08 4.48
CA GLN A 38 24.27 7.45 5.89
C GLN A 38 23.31 8.58 6.23
N LEU A 39 22.40 8.30 7.15
CA LEU A 39 21.48 9.29 7.72
C LEU A 39 22.07 9.80 9.05
N PRO A 40 21.51 10.90 9.61
CA PRO A 40 22.11 11.48 10.81
C PRO A 40 22.33 10.54 12.01
N ASP A 41 21.38 9.63 12.25
CA ASP A 41 21.44 8.72 13.40
C ASP A 41 21.65 7.24 13.05
N GLU A 42 21.74 6.92 11.76
CA GLU A 42 21.75 5.54 11.29
C GLU A 42 22.37 5.41 9.91
N PHE A 43 22.89 4.21 9.62
CA PHE A 43 23.36 3.86 8.29
C PHE A 43 22.36 2.90 7.65
N VAL A 44 21.86 3.27 6.48
CA VAL A 44 20.82 2.53 5.79
C VAL A 44 21.43 1.79 4.60
N VAL A 45 21.19 0.48 4.54
CA VAL A 45 21.52 -0.35 3.37
C VAL A 45 20.23 -0.54 2.57
N ILE A 46 20.31 -0.23 1.28
CA ILE A 46 19.16 -0.21 0.38
C ILE A 46 19.37 -1.26 -0.70
N GLU A 47 18.39 -2.15 -0.87
CA GLU A 47 18.37 -3.14 -1.95
C GLU A 47 17.21 -2.81 -2.88
N ARG A 48 17.52 -2.53 -4.14
CA ARG A 48 16.50 -2.38 -5.18
C ARG A 48 16.41 -3.66 -5.98
N LYS A 49 15.23 -4.00 -6.44
CA LYS A 49 15.03 -5.21 -7.24
C LYS A 49 13.84 -5.00 -8.15
N LYS A 50 14.03 -5.30 -9.44
CA LYS A 50 12.93 -5.29 -10.39
C LYS A 50 11.98 -6.41 -10.01
N ARG A 51 10.70 -6.07 -9.92
CA ARG A 51 9.65 -7.03 -9.63
C ARG A 51 8.49 -6.78 -10.56
N SER A 52 7.57 -7.75 -10.60
CA SER A 52 6.35 -7.66 -11.40
C SER A 52 5.14 -7.88 -10.51
N LEU A 53 4.07 -7.14 -10.79
CA LEU A 53 2.76 -7.38 -10.18
C LEU A 53 1.75 -7.59 -11.28
N SER A 54 0.93 -8.63 -11.14
CA SER A 54 -0.16 -8.92 -12.07
C SER A 54 -1.43 -9.22 -11.27
N THR A 55 -2.56 -8.69 -11.76
CA THR A 55 -3.88 -8.98 -11.19
C THR A 55 -4.87 -9.34 -12.30
N ASN A 56 -5.79 -10.24 -11.97
CA ASN A 56 -6.88 -10.64 -12.83
C ASN A 56 -8.16 -10.51 -12.01
N THR A 57 -8.96 -9.49 -12.29
CA THR A 57 -10.13 -9.17 -11.48
C THR A 57 -11.31 -8.73 -12.33
N SER A 58 -12.51 -8.97 -11.81
CA SER A 58 -13.76 -8.51 -12.42
C SER A 58 -14.38 -7.33 -11.67
N ASP A 59 -14.01 -7.13 -10.40
CA ASP A 59 -14.51 -5.98 -9.64
C ASP A 59 -13.73 -4.74 -10.05
N ILE A 60 -14.45 -3.70 -10.45
CA ILE A 60 -13.85 -2.43 -10.90
C ILE A 60 -14.09 -1.41 -9.81
N SER A 61 -13.01 -0.94 -9.18
CA SER A 61 -13.10 0.07 -8.13
C SER A 61 -13.50 1.40 -8.73
N VAL A 62 -14.43 2.09 -8.06
CA VAL A 62 -14.90 3.40 -8.49
C VAL A 62 -14.14 4.49 -7.72
N THR A 63 -13.47 5.36 -8.48
CA THR A 63 -12.80 6.54 -7.92
C THR A 63 -13.65 7.81 -8.03
N ALA A 64 -14.56 7.83 -9.01
CA ALA A 64 -15.48 8.96 -9.19
C ALA A 64 -16.50 9.01 -8.07
N THR A 65 -17.23 10.12 -8.01
CA THR A 65 -18.26 10.32 -6.99
C THR A 65 -19.67 10.25 -7.59
N ASN A 66 -19.90 11.01 -8.67
CA ASN A 66 -21.23 11.14 -9.27
C ASN A 66 -21.22 10.78 -10.76
N ASP A 67 -20.61 9.63 -11.07
CA ASP A 67 -20.47 9.20 -12.45
C ASP A 67 -21.81 8.69 -12.97
N SER A 68 -22.40 9.46 -13.89
CA SER A 68 -23.68 9.10 -14.51
C SER A 68 -23.59 7.92 -15.48
N ARG A 69 -22.37 7.49 -15.83
CA ARG A 69 -22.20 6.30 -16.64
C ARG A 69 -22.35 5.00 -15.88
N LEU A 70 -22.10 5.03 -14.56
CA LEU A 70 -22.00 3.83 -13.75
C LEU A 70 -23.28 3.57 -13.00
N TYR A 71 -24.28 3.13 -13.75
CA TYR A 71 -25.54 2.67 -13.17
C TYR A 71 -25.73 1.19 -13.50
N PRO A 72 -26.41 0.44 -12.60
CA PRO A 72 -26.73 -0.96 -12.90
C PRO A 72 -27.46 -1.09 -14.23
N GLY A 73 -27.01 -2.02 -15.07
CA GLY A 73 -27.58 -2.24 -16.40
C GLY A 73 -27.06 -1.36 -17.53
N ALA A 74 -26.13 -0.44 -17.22
CA ALA A 74 -25.54 0.43 -18.24
C ALA A 74 -24.74 -0.39 -19.24
N LEU A 75 -24.86 -0.04 -20.51
CA LEU A 75 -24.11 -0.70 -21.57
C LEU A 75 -22.81 0.09 -21.77
N LEU A 76 -21.68 -0.61 -21.73
CA LEU A 76 -20.37 0.03 -21.93
C LEU A 76 -19.64 -0.65 -23.08
N VAL A 77 -18.85 0.13 -23.80
CA VAL A 77 -18.15 -0.35 -24.98
C VAL A 77 -16.82 -0.94 -24.51
N VAL A 78 -16.46 -2.09 -25.06
CA VAL A 78 -15.20 -2.74 -24.73
C VAL A 78 -14.12 -2.17 -25.64
N ASP A 79 -13.35 -1.22 -25.11
CA ASP A 79 -12.17 -0.70 -25.79
C ASP A 79 -11.15 -0.24 -24.75
N GLU A 80 -10.14 0.52 -25.19
CA GLU A 80 -9.09 0.96 -24.28
C GLU A 80 -9.62 1.84 -23.15
N THR A 81 -10.69 2.59 -23.41
CA THR A 81 -11.29 3.47 -22.40
C THR A 81 -11.88 2.67 -21.24
N LEU A 82 -12.41 1.48 -21.53
CA LEU A 82 -12.89 0.59 -20.47
C LEU A 82 -11.74 0.06 -19.60
N LEU A 83 -10.62 -0.27 -20.22
CA LEU A 83 -9.43 -0.74 -19.50
C LEU A 83 -8.82 0.34 -18.59
N GLU A 84 -8.87 1.59 -19.06
CA GLU A 84 -8.49 2.75 -18.24
C GLU A 84 -9.56 3.24 -17.23
N ASN A 85 -10.66 2.49 -17.10
N ASN A 85 -10.67 2.50 -17.12
CA ASN A 85 -11.77 2.85 -16.20
CA ASN A 85 -11.78 2.84 -16.23
C ASN A 85 -12.33 4.24 -16.50
C ASN A 85 -12.34 4.24 -16.50
N ASN A 86 -12.51 4.54 -17.79
CA ASN A 86 -13.07 5.80 -18.24
C ASN A 86 -13.96 5.48 -19.45
N PRO A 87 -14.97 4.61 -19.23
CA PRO A 87 -15.62 3.91 -20.32
C PRO A 87 -16.52 4.78 -21.18
N THR A 88 -16.70 4.37 -22.43
CA THR A 88 -17.66 5.02 -23.32
C THR A 88 -19.01 4.39 -23.02
N LEU A 89 -19.98 5.23 -22.68
CA LEU A 89 -21.34 4.78 -22.43
C LEU A 89 -22.05 4.61 -23.77
N LEU A 90 -22.78 3.52 -23.95
CA LEU A 90 -23.69 3.39 -25.08
C LEU A 90 -25.06 3.78 -24.56
N ALA A 91 -25.43 5.04 -24.79
CA ALA A 91 -26.67 5.62 -24.30
C ALA A 91 -27.72 5.67 -25.40
N VAL A 92 -28.12 4.49 -25.85
CA VAL A 92 -29.19 4.33 -26.84
C VAL A 92 -30.51 4.09 -26.11
N ASP A 93 -31.61 4.08 -26.85
CA ASP A 93 -32.94 3.86 -26.25
C ASP A 93 -33.04 2.49 -25.61
N ARG A 94 -33.22 2.47 -24.30
CA ARG A 94 -33.16 1.26 -23.51
C ARG A 94 -34.52 0.64 -23.24
N ALA A 95 -34.55 -0.68 -23.27
CA ALA A 95 -35.73 -1.44 -22.90
C ALA A 95 -35.86 -1.44 -21.38
N PRO A 96 -37.07 -1.70 -20.86
CA PRO A 96 -37.17 -1.84 -19.41
C PRO A 96 -36.29 -2.98 -18.89
N MET A 97 -35.84 -2.88 -17.65
CA MET A 97 -35.10 -3.99 -17.08
C MET A 97 -35.33 -4.10 -15.59
N THR A 98 -35.30 -5.34 -15.13
CA THR A 98 -35.64 -5.67 -13.76
C THR A 98 -34.36 -5.86 -12.97
N TYR A 99 -34.27 -5.19 -11.82
CA TYR A 99 -33.12 -5.25 -10.94
C TYR A 99 -33.48 -5.93 -9.63
N SER A 100 -32.47 -6.39 -8.91
CA SER A 100 -32.66 -6.88 -7.55
C SER A 100 -31.68 -6.18 -6.61
N ILE A 101 -32.23 -5.62 -5.53
CA ILE A 101 -31.43 -4.96 -4.49
C ILE A 101 -31.23 -5.95 -3.35
N ASP A 102 -30.02 -5.96 -2.79
CA ASP A 102 -29.68 -6.87 -1.72
C ASP A 102 -29.28 -6.07 -0.47
N LEU A 103 -30.12 -6.17 0.56
CA LEU A 103 -30.08 -5.26 1.70
C LEU A 103 -30.64 -5.96 2.93
N PRO A 104 -29.88 -5.95 4.06
CA PRO A 104 -30.36 -6.64 5.27
C PRO A 104 -31.80 -6.36 5.67
N GLY A 105 -32.55 -7.43 5.94
CA GLY A 105 -33.96 -7.31 6.33
C GLY A 105 -34.87 -6.85 5.22
N LEU A 106 -35.17 -7.77 4.31
CA LEU A 106 -36.02 -7.46 3.16
C LEU A 106 -36.50 -8.78 2.55
N ALA A 107 -37.79 -9.09 2.70
CA ALA A 107 -38.38 -10.27 2.08
C ALA A 107 -38.31 -10.11 0.57
N SER A 108 -37.99 -11.18 -0.16
CA SER A 108 -37.83 -11.11 -1.62
C SER A 108 -39.23 -10.93 -2.26
N SER A 109 -39.86 -9.80 -1.92
CA SER A 109 -41.09 -9.30 -2.51
C SER A 109 -40.88 -7.84 -2.93
N ASP A 110 -40.33 -7.04 -2.01
CA ASP A 110 -39.82 -5.69 -2.33
C ASP A 110 -38.34 -5.68 -2.81
N SER A 111 -37.77 -6.86 -3.08
CA SER A 111 -36.38 -6.96 -3.56
CA SER A 111 -36.38 -6.96 -3.56
C SER A 111 -36.23 -6.46 -5.00
N PHE A 112 -37.24 -6.71 -5.83
CA PHE A 112 -37.17 -6.41 -7.25
C PHE A 112 -37.62 -5.00 -7.59
N LEU A 113 -36.90 -4.37 -8.52
CA LEU A 113 -37.17 -3.02 -9.00
C LEU A 113 -37.29 -3.06 -10.52
N GLN A 114 -38.45 -2.63 -11.03
CA GLN A 114 -38.71 -2.53 -12.46
C GLN A 114 -38.51 -1.07 -12.87
N VAL A 115 -37.52 -0.83 -13.73
CA VAL A 115 -37.23 0.50 -14.24
C VAL A 115 -37.55 0.51 -15.73
N GLU A 116 -38.48 1.38 -16.12
CA GLU A 116 -39.01 1.39 -17.48
C GLU A 116 -37.98 1.87 -18.50
N ASP A 117 -37.25 2.93 -18.17
CA ASP A 117 -36.21 3.47 -19.04
C ASP A 117 -34.90 3.59 -18.26
N PRO A 118 -34.08 2.51 -18.26
CA PRO A 118 -32.85 2.50 -17.44
C PRO A 118 -31.85 3.63 -17.75
N SER A 119 -31.58 4.46 -16.76
CA SER A 119 -30.52 5.47 -16.79
C SER A 119 -30.05 5.67 -15.36
N ASN A 120 -29.01 6.49 -15.17
CA ASN A 120 -28.52 6.75 -13.82
C ASN A 120 -29.62 7.35 -12.95
N SER A 121 -30.29 8.39 -13.44
CA SER A 121 -31.34 9.07 -12.67
C SER A 121 -32.56 8.19 -12.38
N SER A 122 -32.92 7.33 -13.32
CA SER A 122 -34.12 6.47 -13.16
C SER A 122 -33.84 5.27 -12.26
N VAL A 123 -32.67 4.65 -12.39
CA VAL A 123 -32.27 3.54 -11.51
C VAL A 123 -32.04 4.09 -10.10
N ARG A 124 -31.25 5.15 -10.04
CA ARG A 124 -31.03 5.98 -8.85
C ARG A 124 -32.30 6.27 -8.08
N GLY A 125 -33.28 6.79 -8.81
CA GLY A 125 -34.57 7.19 -8.25
C GLY A 125 -35.38 6.00 -7.76
N ALA A 126 -35.33 4.90 -8.51
CA ALA A 126 -36.03 3.68 -8.13
C ALA A 126 -35.44 3.06 -6.86
N VAL A 127 -34.12 3.04 -6.74
CA VAL A 127 -33.45 2.49 -5.56
C VAL A 127 -33.68 3.40 -4.35
N ASN A 128 -33.42 4.70 -4.52
CA ASN A 128 -33.57 5.67 -3.42
C ASN A 128 -34.99 5.77 -2.84
N ASP A 129 -36.01 5.56 -3.66
CA ASP A 129 -37.40 5.53 -3.18
C ASP A 129 -37.74 4.23 -2.44
N LEU A 130 -37.19 3.09 -2.90
CA LEU A 130 -37.34 1.84 -2.16
C LEU A 130 -36.61 1.92 -0.83
N LEU A 131 -35.42 2.52 -0.84
CA LEU A 131 -34.68 2.79 0.39
C LEU A 131 -35.50 3.65 1.35
N ALA A 132 -36.03 4.77 0.85
CA ALA A 132 -36.90 5.66 1.66
C ALA A 132 -37.99 4.91 2.43
N LYS A 133 -38.58 3.90 1.79
CA LYS A 133 -39.56 3.03 2.43
C LYS A 133 -38.93 2.01 3.40
N TRP A 134 -37.72 1.56 3.08
CA TRP A 134 -36.93 0.68 3.95
C TRP A 134 -36.43 1.36 5.24
N HIS A 135 -36.28 2.69 5.22
CA HIS A 135 -35.82 3.44 6.40
C HIS A 135 -36.86 3.40 7.52
N GLN A 136 -38.14 3.35 7.15
CA GLN A 136 -39.25 3.48 8.09
C GLN A 136 -39.83 2.14 8.57
N ASP A 137 -39.21 1.02 8.22
CA ASP A 137 -39.59 -0.29 8.78
C ASP A 137 -38.43 -1.28 9.04
N TYR A 138 -37.20 -0.78 9.06
CA TYR A 138 -36.01 -1.63 9.31
C TYR A 138 -34.72 -0.87 9.57
N GLY A 139 -34.47 0.21 8.81
CA GLY A 139 -33.25 1.02 8.95
C GLY A 139 -32.93 1.50 10.36
N GLN A 140 -33.94 1.98 11.07
CA GLN A 140 -33.78 2.50 12.44
C GLN A 140 -34.09 1.48 13.54
N VAL A 141 -35.18 0.72 13.35
CA VAL A 141 -35.61 -0.25 14.38
C VAL A 141 -34.54 -1.33 14.53
N ASN A 142 -34.23 -2.00 13.43
CA ASN A 142 -33.11 -2.95 13.39
C ASN A 142 -31.81 -2.20 13.08
N ASN A 143 -30.75 -2.60 13.78
CA ASN A 143 -29.42 -2.06 13.51
C ASN A 143 -28.81 -2.84 12.35
N VAL A 144 -28.58 -2.14 11.23
CA VAL A 144 -28.12 -2.76 9.97
C VAL A 144 -26.67 -2.37 9.68
N PRO A 145 -25.71 -3.31 9.88
CA PRO A 145 -24.30 -2.98 9.74
C PRO A 145 -23.80 -3.05 8.30
N ALA A 146 -22.75 -2.29 8.00
CA ALA A 146 -22.10 -2.32 6.70
C ALA A 146 -21.15 -3.52 6.60
N ARG A 147 -20.93 -3.97 5.37
CA ARG A 147 -20.07 -5.12 5.07
C ARG A 147 -18.68 -4.62 4.71
N MET A 148 -17.72 -4.84 5.59
CA MET A 148 -16.33 -4.42 5.42
CA MET A 148 -16.36 -4.40 5.14
C MET A 148 -15.19 -5.41 4.74
N GLN A 149 -14.68 -4.78 3.67
CA GLN A 149 -13.54 -5.42 3.02
C GLN A 149 -12.37 -4.45 3.08
N HIS A 150 -11.16 -4.96 3.26
CA HIS A 150 -9.98 -4.11 3.13
C HIS A 150 -8.79 -4.85 2.55
N GLU A 151 -8.02 -4.13 1.73
CA GLU A 151 -6.83 -4.65 1.07
C GLU A 151 -5.68 -3.66 1.22
N LYS A 152 -4.46 -4.19 1.32
CA LYS A 152 -3.26 -3.37 1.55
C LYS A 152 -2.11 -3.76 0.63
N ILE A 153 -1.18 -2.84 0.44
CA ILE A 153 0.03 -3.06 -0.35
C ILE A 153 1.13 -2.06 0.05
N THR A 154 2.38 -2.50 -0.02
CA THR A 154 3.52 -1.60 0.21
C THR A 154 3.77 -0.79 -1.06
N ALA A 155 3.78 0.53 -0.93
CA ALA A 155 3.89 1.44 -2.07
C ALA A 155 5.32 1.49 -2.60
N HIS A 156 5.48 1.23 -3.89
CA HIS A 156 6.79 1.28 -4.58
C HIS A 156 6.79 2.13 -5.84
N SER A 157 5.74 1.99 -6.65
CA SER A 157 5.53 2.86 -7.81
C SER A 157 4.04 3.05 -8.05
N MET A 158 3.68 4.15 -8.70
CA MET A 158 2.27 4.43 -8.99
C MET A 158 1.67 3.43 -9.98
N GLU A 159 2.46 3.01 -10.98
CA GLU A 159 2.04 1.96 -11.91
C GLU A 159 1.70 0.66 -11.17
N GLN A 160 2.53 0.31 -10.19
CA GLN A 160 2.25 -0.82 -9.31
C GLN A 160 0.92 -0.65 -8.56
N LEU A 161 0.73 0.53 -7.98
CA LEU A 161 -0.51 0.83 -7.24
C LEU A 161 -1.75 0.78 -8.12
N LYS A 162 -1.62 1.24 -9.36
CA LYS A 162 -2.70 1.15 -10.35
C LYS A 162 -3.07 -0.30 -10.66
N VAL A 163 -2.08 -1.18 -10.76
CA VAL A 163 -2.35 -2.61 -10.96
C VAL A 163 -3.05 -3.22 -9.74
N LYS A 164 -2.68 -2.79 -8.54
CA LYS A 164 -3.33 -3.28 -7.31
C LYS A 164 -4.75 -2.73 -7.09
N PHE A 165 -4.92 -1.42 -7.23
CA PHE A 165 -6.19 -0.74 -6.90
C PHE A 165 -7.06 -0.31 -8.08
N GLY A 166 -6.55 -0.43 -9.31
CA GLY A 166 -7.31 -0.08 -10.51
C GLY A 166 -6.64 1.00 -11.35
N SER A 167 -6.92 0.95 -12.65
CA SER A 167 -6.24 1.77 -13.66
C SER A 167 -6.43 3.29 -13.56
N ASP A 168 -7.42 3.74 -12.81
CA ASP A 168 -7.64 5.17 -12.56
C ASP A 168 -7.30 5.57 -11.12
N PHE A 169 -6.35 4.85 -10.50
CA PHE A 169 -6.01 5.11 -9.11
C PHE A 169 -5.30 6.46 -8.92
N GLU A 170 -4.62 6.98 -9.94
CA GLU A 170 -3.88 8.25 -9.78
C GLU A 170 -4.76 9.46 -9.45
N LYS A 171 -6.02 9.44 -9.86
CA LYS A 171 -7.02 10.41 -9.37
C LYS A 171 -7.02 10.44 -7.83
N ILE A 172 -6.82 9.25 -7.26
CA ILE A 172 -6.73 9.00 -5.82
C ILE A 172 -5.30 9.22 -5.32
N GLY A 173 -4.34 8.68 -6.05
CA GLY A 173 -2.92 8.74 -5.68
C GLY A 173 -2.31 10.13 -5.68
N ASN A 174 -2.76 10.98 -6.60
CA ASN A 174 -2.37 12.39 -6.63
C ASN A 174 -2.81 13.16 -5.39
N SER A 175 -3.95 12.77 -4.83
CA SER A 175 -4.49 13.41 -3.63
C SER A 175 -3.85 12.92 -2.32
N LEU A 176 -3.10 11.82 -2.37
CA LEU A 176 -2.44 11.28 -1.16
C LEU A 176 -1.00 11.79 -0.95
N ASP A 177 -0.43 12.51 -1.92
CA ASP A 177 0.94 13.05 -1.80
C ASP A 177 1.94 11.96 -1.43
N ILE A 178 1.97 10.91 -2.25
CA ILE A 178 2.82 9.75 -2.00
C ILE A 178 4.24 10.06 -2.44
N ASP A 179 5.19 9.87 -1.54
CA ASP A 179 6.60 10.20 -1.76
C ASP A 179 7.36 8.95 -2.18
N PHE A 180 7.30 8.66 -3.47
CA PHE A 180 7.96 7.49 -4.03
C PHE A 180 9.47 7.65 -4.02
N ASN A 181 9.96 8.87 -4.25
CA ASN A 181 11.39 9.14 -4.19
C ASN A 181 12.00 8.95 -2.80
N SER A 182 11.20 9.13 -1.74
CA SER A 182 11.67 8.87 -0.38
C SER A 182 11.70 7.40 0.01
N VAL A 183 10.79 6.58 -0.55
CA VAL A 183 10.87 5.12 -0.32
C VAL A 183 12.07 4.57 -1.09
N HIS A 184 12.32 5.10 -2.28
CA HIS A 184 13.44 4.68 -3.14
C HIS A 184 14.78 5.08 -2.54
N SER A 185 14.87 6.31 -2.05
CA SER A 185 16.08 6.80 -1.36
C SER A 185 16.30 6.17 0.02
N GLY A 186 15.28 5.51 0.56
CA GLY A 186 15.43 4.63 1.72
C GLY A 186 15.11 5.23 3.08
N GLU A 187 14.57 6.45 3.10
CA GLU A 187 14.24 7.14 4.36
C GLU A 187 12.75 7.15 4.71
N LYS A 188 11.92 6.50 3.89
CA LYS A 188 10.50 6.33 4.21
C LYS A 188 9.98 4.96 3.77
N GLN A 189 9.02 4.43 4.52
CA GLN A 189 8.28 3.24 4.13
C GLN A 189 6.80 3.60 4.09
N ILE A 190 6.14 3.26 2.99
CA ILE A 190 4.75 3.67 2.76
C ILE A 190 3.87 2.47 2.46
N GLN A 191 2.73 2.40 3.13
CA GLN A 191 1.70 1.40 2.86
C GLN A 191 0.41 2.12 2.49
N ILE A 192 -0.23 1.66 1.42
CA ILE A 192 -1.53 2.16 1.00
C ILE A 192 -2.56 1.09 1.35
N VAL A 193 -3.63 1.51 2.02
CA VAL A 193 -4.70 0.62 2.45
C VAL A 193 -6.04 1.15 1.90
N ASN A 194 -6.85 0.24 1.38
CA ASN A 194 -8.19 0.58 0.90
C ASN A 194 -9.22 -0.16 1.75
N PHE A 195 -10.15 0.59 2.36
CA PHE A 195 -11.30 0.01 3.07
C PHE A 195 -12.56 0.28 2.30
N LYS A 196 -13.29 -0.77 1.96
CA LYS A 196 -14.63 -0.66 1.41
C LYS A 196 -15.65 -1.07 2.46
N GLN A 197 -16.78 -0.37 2.48
CA GLN A 197 -17.90 -0.66 3.37
C GLN A 197 -19.15 -0.69 2.51
N ILE A 198 -19.65 -1.90 2.22
CA ILE A 198 -20.79 -2.09 1.32
C ILE A 198 -22.07 -2.02 2.13
N TYR A 199 -22.94 -1.10 1.75
CA TYR A 199 -24.27 -0.94 2.35
C TYR A 199 -25.28 -1.86 1.68
N TYR A 200 -25.30 -1.81 0.36
CA TYR A 200 -26.18 -2.65 -0.45
C TYR A 200 -25.62 -2.81 -1.85
N THR A 201 -26.18 -3.76 -2.58
CA THR A 201 -25.79 -4.06 -3.95
C THR A 201 -27.05 -4.12 -4.81
N VAL A 202 -26.95 -3.57 -6.01
CA VAL A 202 -28.03 -3.62 -7.00
C VAL A 202 -27.49 -4.43 -8.18
N SER A 203 -28.14 -5.57 -8.43
CA SER A 203 -27.72 -6.52 -9.46
C SER A 203 -28.76 -6.63 -10.58
N VAL A 204 -28.28 -6.98 -11.78
CA VAL A 204 -29.12 -7.23 -12.94
C VAL A 204 -29.13 -8.73 -13.20
N ASP A 205 -30.29 -9.28 -13.53
CA ASP A 205 -30.39 -10.70 -13.88
C ASP A 205 -29.78 -10.89 -15.28
N ALA A 206 -29.39 -12.13 -15.56
CA ALA A 206 -28.79 -12.46 -16.86
C ALA A 206 -29.71 -12.02 -18.01
N VAL A 207 -29.10 -11.46 -19.05
CA VAL A 207 -29.85 -11.00 -20.22
C VAL A 207 -29.99 -12.19 -21.14
N LYS A 208 -31.24 -12.62 -21.37
CA LYS A 208 -31.52 -13.81 -22.18
C LYS A 208 -31.10 -13.67 -23.64
N ASN A 209 -31.56 -12.58 -24.26
CA ASN A 209 -31.21 -12.27 -25.66
C ASN A 209 -30.57 -10.90 -25.69
N PRO A 210 -29.43 -10.75 -26.40
CA PRO A 210 -28.74 -9.45 -26.45
C PRO A 210 -29.64 -8.28 -26.86
N GLY A 211 -30.58 -8.52 -27.77
CA GLY A 211 -31.54 -7.50 -28.18
C GLY A 211 -32.50 -7.01 -27.11
N ASP A 212 -32.63 -7.76 -26.00
CA ASP A 212 -33.56 -7.43 -24.91
C ASP A 212 -33.25 -6.15 -24.14
N VAL A 213 -32.05 -5.58 -24.33
CA VAL A 213 -31.71 -4.31 -23.69
C VAL A 213 -32.07 -3.05 -24.49
N PHE A 214 -32.43 -3.21 -25.76
CA PHE A 214 -32.74 -2.07 -26.63
C PHE A 214 -34.23 -1.98 -26.90
N GLN A 215 -34.73 -0.75 -27.01
CA GLN A 215 -36.08 -0.52 -27.54
C GLN A 215 -36.13 -1.02 -28.97
N ASP A 216 -37.32 -1.39 -29.44
CA ASP A 216 -37.51 -1.87 -30.82
C ASP A 216 -37.05 -0.90 -31.91
N THR A 217 -36.97 0.39 -31.60
CA THR A 217 -36.50 1.39 -32.56
C THR A 217 -34.99 1.40 -32.81
N VAL A 218 -34.21 0.71 -31.97
CA VAL A 218 -32.75 0.70 -32.11
C VAL A 218 -32.36 -0.27 -33.23
N THR A 219 -31.52 0.20 -34.14
CA THR A 219 -31.16 -0.56 -35.32
C THR A 219 -29.68 -0.94 -35.26
N VAL A 220 -29.30 -1.88 -36.12
CA VAL A 220 -27.90 -2.21 -36.34
C VAL A 220 -27.15 -0.97 -36.83
N GLU A 221 -27.78 -0.19 -37.71
CA GLU A 221 -27.19 1.06 -38.18
C GLU A 221 -26.80 2.01 -37.04
N ASP A 222 -27.69 2.16 -36.06
CA ASP A 222 -27.43 3.05 -34.91
C ASP A 222 -26.20 2.58 -34.15
N LEU A 223 -26.11 1.27 -33.92
CA LEU A 223 -25.00 0.69 -33.14
C LEU A 223 -23.67 0.80 -33.88
N ARG A 224 -23.68 0.56 -35.19
CA ARG A 224 -22.46 0.68 -35.98
C ARG A 224 -22.01 2.13 -36.12
N GLN A 225 -22.97 3.06 -36.17
CA GLN A 225 -22.68 4.50 -36.12
C GLN A 225 -21.92 4.91 -34.86
N ARG A 226 -22.13 4.20 -33.76
CA ARG A 226 -21.39 4.41 -32.52
C ARG A 226 -20.16 3.50 -32.37
N GLY A 227 -19.76 2.87 -33.48
CA GLY A 227 -18.53 2.08 -33.54
C GLY A 227 -18.58 0.70 -32.91
N ILE A 228 -19.78 0.15 -32.71
CA ILE A 228 -19.91 -1.18 -32.11
C ILE A 228 -19.72 -2.23 -33.21
N SER A 229 -18.94 -3.27 -32.89
CA SER A 229 -18.62 -4.37 -33.80
C SER A 229 -17.95 -5.48 -33.00
N ALA A 230 -17.56 -6.56 -33.67
CA ALA A 230 -16.74 -7.60 -33.03
C ALA A 230 -15.41 -7.05 -32.47
N GLU A 231 -14.89 -5.99 -33.09
CA GLU A 231 -13.70 -5.29 -32.60
C GLU A 231 -13.93 -4.47 -31.33
N ARG A 232 -15.11 -3.86 -31.19
CA ARG A 232 -15.50 -3.12 -29.99
C ARG A 232 -16.88 -3.60 -29.51
N PRO A 233 -16.93 -4.75 -28.83
CA PRO A 233 -18.22 -5.32 -28.41
C PRO A 233 -18.76 -4.65 -27.16
N LEU A 234 -19.90 -5.13 -26.68
CA LEU A 234 -20.56 -4.50 -25.55
C LEU A 234 -20.50 -5.34 -24.30
N VAL A 235 -20.44 -4.66 -23.16
CA VAL A 235 -20.72 -5.27 -21.88
C VAL A 235 -21.84 -4.49 -21.24
N TYR A 236 -22.45 -5.08 -20.23
CA TYR A 236 -23.40 -4.38 -19.37
C TYR A 236 -22.94 -4.47 -17.92
N ILE A 237 -23.24 -3.43 -17.15
CA ILE A 237 -22.94 -3.43 -15.72
C ILE A 237 -23.95 -4.35 -15.04
N SER A 238 -23.46 -5.50 -14.58
CA SER A 238 -24.31 -6.55 -14.02
C SER A 238 -24.54 -6.39 -12.52
N SER A 239 -23.70 -5.60 -11.86
CA SER A 239 -23.84 -5.34 -10.43
CA SER A 239 -23.85 -5.33 -10.42
C SER A 239 -23.09 -4.07 -10.02
N VAL A 240 -23.64 -3.35 -9.07
CA VAL A 240 -23.00 -2.16 -8.50
C VAL A 240 -23.11 -2.26 -6.98
N ALA A 241 -21.99 -2.08 -6.30
CA ALA A 241 -21.94 -2.08 -4.83
C ALA A 241 -21.89 -0.65 -4.32
N TYR A 242 -22.78 -0.33 -3.40
CA TYR A 242 -22.93 1.01 -2.87
C TYR A 242 -22.50 1.04 -1.41
N GLY A 243 -21.81 2.12 -1.04
CA GLY A 243 -21.34 2.28 0.33
C GLY A 243 -20.36 3.41 0.52
N ARG A 244 -19.41 3.20 1.43
CA ARG A 244 -18.34 4.17 1.68
C ARG A 244 -17.00 3.50 1.42
N GLN A 245 -16.04 4.31 0.98
CA GLN A 245 -14.73 3.83 0.59
C GLN A 245 -13.69 4.78 1.15
N VAL A 246 -12.60 4.19 1.64
CA VAL A 246 -11.51 4.94 2.24
C VAL A 246 -10.20 4.45 1.65
N TYR A 247 -9.40 5.38 1.15
N TYR A 247 -9.38 5.38 1.17
CA TYR A 247 -8.01 5.11 0.76
CA TYR A 247 -8.01 5.10 0.74
C TYR A 247 -7.12 5.76 1.79
C TYR A 247 -7.08 5.76 1.75
N LEU A 248 -6.23 4.96 2.38
CA LEU A 248 -5.41 5.38 3.53
C LEU A 248 -3.93 5.28 3.18
N LYS A 249 -3.22 6.39 3.28
CA LYS A 249 -1.77 6.42 3.13
C LYS A 249 -1.14 6.46 4.51
N LEU A 250 -0.29 5.47 4.81
CA LEU A 250 0.52 5.45 6.03
C LEU A 250 1.97 5.58 5.59
N GLU A 251 2.63 6.65 6.04
CA GLU A 251 3.99 6.97 5.62
C GLU A 251 4.82 7.19 6.88
N THR A 252 5.86 6.39 7.05
CA THR A 252 6.74 6.47 8.22
C THR A 252 8.18 6.71 7.79
N THR A 253 8.96 7.28 8.70
CA THR A 253 10.40 7.46 8.50
C THR A 253 11.22 6.32 9.10
N SER A 254 10.56 5.39 9.80
CA SER A 254 11.23 4.25 10.41
C SER A 254 11.68 3.25 9.35
N LYS A 255 12.77 2.55 9.64
CA LYS A 255 13.35 1.56 8.73
C LYS A 255 13.18 0.14 9.28
N SER A 256 12.22 -0.04 10.18
CA SER A 256 12.15 -1.25 10.98
C SER A 256 11.48 -2.42 10.25
N ASP A 257 11.85 -3.62 10.69
CA ASP A 257 11.14 -4.86 10.35
C ASP A 257 9.68 -4.89 10.85
N GLU A 258 9.40 -4.12 11.90
CA GLU A 258 8.11 -4.13 12.59
C GLU A 258 7.04 -3.19 12.01
N VAL A 259 7.34 -2.48 10.92
CA VAL A 259 6.39 -1.48 10.36
C VAL A 259 5.08 -2.12 9.91
N GLU A 260 5.16 -3.29 9.26
CA GLU A 260 3.97 -4.02 8.81
C GLU A 260 3.06 -4.36 10.00
N ALA A 261 3.63 -4.99 11.02
CA ALA A 261 2.88 -5.33 12.23
C ALA A 261 2.39 -4.08 12.98
N ALA A 262 3.21 -3.04 12.99
CA ALA A 262 2.85 -1.74 13.59
C ALA A 262 1.62 -1.13 12.91
N PHE A 263 1.69 -1.00 11.59
CA PHE A 263 0.55 -0.53 10.79
C PHE A 263 -0.65 -1.47 10.87
N GLU A 264 -0.39 -2.77 10.93
CA GLU A 264 -1.46 -3.78 11.05
C GLU A 264 -2.25 -3.68 12.36
N SER A 265 -1.55 -3.45 13.47
CA SER A 265 -2.19 -3.25 14.77
C SER A 265 -3.11 -2.03 14.77
N LEU A 266 -2.76 -1.04 13.97
CA LEU A 266 -3.55 0.18 13.85
C LEU A 266 -4.79 0.03 12.97
N ILE A 267 -4.65 -0.64 11.83
CA ILE A 267 -5.79 -1.03 11.01
C ILE A 267 -6.79 -1.81 11.88
N LYS A 268 -6.24 -2.58 12.82
CA LYS A 268 -6.98 -3.44 13.72
C LYS A 268 -7.49 -2.72 14.99
N GLY A 269 -6.96 -1.54 15.31
CA GLY A 269 -7.28 -0.85 16.57
C GLY A 269 -6.72 -1.53 17.80
N VAL A 270 -5.63 -2.27 17.61
CA VAL A 270 -4.97 -3.04 18.67
C VAL A 270 -4.06 -2.11 19.47
N ALA A 271 -3.91 -2.39 20.76
CA ALA A 271 -3.00 -1.66 21.63
C ALA A 271 -1.55 -1.81 21.13
N PRO A 272 -0.86 -0.69 20.86
CA PRO A 272 0.47 -0.78 20.25
C PRO A 272 1.56 -1.18 21.25
N GLN A 273 2.45 -2.06 20.81
CA GLN A 273 3.59 -2.49 21.61
C GLN A 273 4.65 -1.38 21.59
N THR A 274 5.66 -1.52 22.44
CA THR A 274 6.65 -0.45 22.63
C THR A 274 7.52 -0.22 21.39
N GLU A 275 7.88 -1.28 20.67
CA GLU A 275 8.64 -1.08 19.43
C GLU A 275 7.83 -0.39 18.34
N TRP A 276 6.52 -0.56 18.34
CA TRP A 276 5.67 0.06 17.32
C TRP A 276 5.38 1.52 17.67
N LYS A 277 5.14 1.82 18.95
CA LYS A 277 4.87 3.21 19.38
C LYS A 277 5.91 4.24 18.90
N GLN A 278 7.18 3.81 18.80
CA GLN A 278 8.22 4.60 18.13
C GLN A 278 7.82 4.88 16.67
N ILE A 279 7.43 3.82 15.97
CA ILE A 279 7.09 3.91 14.55
C ILE A 279 5.81 4.71 14.35
N LEU A 280 4.77 4.41 15.12
CA LEU A 280 3.46 5.08 15.00
C LEU A 280 3.55 6.60 15.23
N ASP A 281 4.37 7.01 16.19
CA ASP A 281 4.61 8.44 16.45
C ASP A 281 5.42 9.15 15.34
N ASN A 282 6.16 8.37 14.54
CA ASN A 282 6.83 8.88 13.33
C ASN A 282 6.11 8.49 12.05
N THR A 283 4.78 8.47 12.09
CA THR A 283 3.94 8.12 10.95
C THR A 283 3.06 9.32 10.61
N GLU A 284 3.01 9.65 9.32
CA GLU A 284 2.07 10.64 8.78
C GLU A 284 0.96 9.88 8.07
N VAL A 285 -0.24 10.46 8.09
CA VAL A 285 -1.43 9.83 7.51
C VAL A 285 -2.11 10.84 6.60
N LYS A 286 -2.40 10.41 5.37
CA LYS A 286 -3.27 11.14 4.46
C LYS A 286 -4.36 10.17 4.01
N ALA A 287 -5.58 10.68 3.84
CA ALA A 287 -6.71 9.84 3.49
C ALA A 287 -7.63 10.52 2.50
N VAL A 288 -8.13 9.73 1.54
CA VAL A 288 -9.21 10.13 0.65
C VAL A 288 -10.43 9.31 1.05
N ILE A 289 -11.51 9.99 1.42
CA ILE A 289 -12.76 9.35 1.80
C ILE A 289 -13.78 9.60 0.70
N LEU A 290 -14.33 8.51 0.15
CA LEU A 290 -15.38 8.58 -0.86
C LEU A 290 -16.70 8.28 -0.19
N GLY A 291 -17.62 9.24 -0.29
CA GLY A 291 -18.80 9.40 0.56
C GLY A 291 -19.48 8.20 1.21
N GLY A 292 -19.60 8.27 2.53
CA GLY A 292 -20.68 7.64 3.28
C GLY A 292 -21.28 8.75 4.11
N ASP A 293 -21.34 9.93 3.50
CA ASP A 293 -21.65 11.18 4.16
C ASP A 293 -22.18 12.12 3.07
N PRO A 294 -23.28 12.85 3.37
CA PRO A 294 -23.77 13.78 2.37
C PRO A 294 -22.81 14.96 2.18
N SER A 295 -22.41 15.30 0.97
CA SER A 295 -22.90 14.71 -0.29
C SER A 295 -21.91 13.71 -0.89
N SER A 296 -22.13 13.38 -2.17
CA SER A 296 -21.20 12.66 -3.02
C SER A 296 -20.05 13.58 -3.48
N GLY A 297 -18.92 13.44 -2.80
CA GLY A 297 -17.73 14.24 -3.06
C GLY A 297 -16.56 13.73 -2.24
N ALA A 298 -15.35 13.83 -2.79
CA ALA A 298 -14.15 13.31 -2.13
C ALA A 298 -13.65 14.28 -1.06
N ARG A 299 -13.28 13.72 0.09
CA ARG A 299 -12.66 14.47 1.19
C ARG A 299 -11.24 13.98 1.33
N VAL A 300 -10.28 14.90 1.23
CA VAL A 300 -8.85 14.59 1.31
C VAL A 300 -8.32 15.20 2.60
N VAL A 301 -8.06 14.35 3.60
CA VAL A 301 -7.62 14.78 4.93
C VAL A 301 -6.22 14.27 5.23
N THR A 302 -5.48 15.02 6.05
CA THR A 302 -4.23 14.55 6.63
C THR A 302 -4.36 14.56 8.13
N GLY A 303 -3.57 13.72 8.78
CA GLY A 303 -3.56 13.69 10.22
C GLY A 303 -2.56 12.77 10.85
N LYS A 304 -2.78 12.51 12.13
CA LYS A 304 -1.92 11.64 12.92
C LYS A 304 -2.47 10.22 12.86
N VAL A 305 -1.58 9.27 13.12
CA VAL A 305 -1.90 7.87 13.43
C VAL A 305 -3.21 7.66 14.22
N ASP A 306 -3.51 8.56 15.17
CA ASP A 306 -4.74 8.50 15.98
C ASP A 306 -6.07 8.67 15.21
N MET A 307 -6.00 9.16 13.98
CA MET A 307 -7.20 9.36 13.15
C MET A 307 -7.83 8.05 12.67
N VAL A 308 -7.01 7.02 12.45
CA VAL A 308 -7.45 5.82 11.73
C VAL A 308 -8.61 5.07 12.42
N GLU A 309 -8.67 5.14 13.75
CA GLU A 309 -9.80 4.59 14.50
C GLU A 309 -11.12 5.19 14.03
N ASP A 310 -11.13 6.51 13.89
CA ASP A 310 -12.36 7.26 13.53
C ASP A 310 -12.77 7.11 12.06
N LEU A 311 -11.79 6.96 11.18
CA LEU A 311 -12.03 6.94 9.74
C LEU A 311 -12.67 5.64 9.27
N ILE A 312 -12.46 4.57 10.03
CA ILE A 312 -12.98 3.24 9.67
C ILE A 312 -14.42 3.04 10.18
N GLN A 313 -14.72 3.55 11.38
CA GLN A 313 -16.04 3.37 12.01
C GLN A 313 -17.08 4.46 11.66
N GLU A 314 -16.66 5.55 11.03
CA GLU A 314 -17.54 6.71 10.75
C GLU A 314 -18.81 6.32 9.98
N GLY A 315 -18.64 5.61 8.88
CA GLY A 315 -19.75 5.15 8.04
C GLY A 315 -19.81 3.64 8.00
N SER A 316 -19.60 3.01 9.16
CA SER A 316 -19.70 1.56 9.30
C SER A 316 -21.15 1.10 9.52
N ARG A 317 -22.05 2.04 9.79
CA ARG A 317 -23.45 1.73 10.03
C ARG A 317 -24.35 2.33 8.95
N PHE A 318 -25.09 1.46 8.27
CA PHE A 318 -26.07 1.87 7.28
C PHE A 318 -27.47 1.80 7.88
N THR A 319 -27.83 2.84 8.61
CA THR A 319 -29.22 3.11 8.95
C THR A 319 -29.95 3.77 7.77
N ALA A 320 -29.20 4.09 6.71
CA ALA A 320 -29.72 4.65 5.46
C ALA A 320 -30.32 6.05 5.67
N ASP A 321 -29.60 6.85 6.46
CA ASP A 321 -29.83 8.30 6.55
C ASP A 321 -29.58 8.90 5.17
N HIS A 322 -28.49 8.42 4.56
CA HIS A 322 -28.02 8.88 3.25
C HIS A 322 -27.55 7.64 2.48
N PRO A 323 -28.09 7.41 1.26
CA PRO A 323 -27.63 6.25 0.51
C PRO A 323 -26.18 6.39 0.10
N GLY A 324 -25.45 5.27 0.14
CA GLY A 324 -24.06 5.24 -0.30
C GLY A 324 -23.98 5.40 -1.80
N LEU A 325 -22.82 5.85 -2.28
CA LEU A 325 -22.59 6.02 -3.71
C LEU A 325 -21.84 4.79 -4.22
N PRO A 326 -21.77 4.60 -5.55
CA PRO A 326 -21.02 3.45 -6.07
C PRO A 326 -19.58 3.40 -5.57
N ILE A 327 -19.14 2.22 -5.16
CA ILE A 327 -17.74 2.00 -4.77
C ILE A 327 -17.04 0.93 -5.61
N SER A 328 -17.78 -0.02 -6.15
CA SER A 328 -17.29 -0.87 -7.22
C SER A 328 -18.44 -1.38 -8.07
N TYR A 329 -18.08 -1.96 -9.21
CA TYR A 329 -19.06 -2.60 -10.10
C TYR A 329 -18.40 -3.71 -10.90
N THR A 330 -19.24 -4.57 -11.46
CA THR A 330 -18.80 -5.66 -12.31
C THR A 330 -19.52 -5.55 -13.65
N THR A 331 -18.84 -5.97 -14.72
CA THR A 331 -19.40 -6.00 -16.06
C THR A 331 -19.47 -7.43 -16.58
N SER A 332 -20.41 -7.67 -17.48
CA SER A 332 -20.61 -8.95 -18.14
C SER A 332 -20.84 -8.69 -19.62
N PHE A 333 -20.31 -9.57 -20.46
CA PHE A 333 -20.51 -9.47 -21.90
C PHE A 333 -21.98 -9.63 -22.24
N LEU A 334 -22.50 -8.69 -23.00
CA LEU A 334 -23.90 -8.72 -23.45
C LEU A 334 -24.20 -9.99 -24.25
N ARG A 335 -23.24 -10.38 -25.09
CA ARG A 335 -23.40 -11.51 -25.99
C ARG A 335 -23.79 -12.80 -25.28
N ASP A 336 -23.11 -13.08 -24.16
CA ASP A 336 -23.26 -14.38 -23.48
C ASP A 336 -23.23 -14.36 -21.94
N ASN A 337 -23.32 -13.19 -21.33
CA ASN A 337 -23.31 -13.01 -19.87
C ASN A 337 -22.03 -13.49 -19.15
N VAL A 338 -20.96 -13.74 -19.90
CA VAL A 338 -19.67 -14.11 -19.31
C VAL A 338 -19.15 -12.85 -18.60
N VAL A 339 -18.73 -13.02 -17.35
CA VAL A 339 -18.22 -11.89 -16.56
C VAL A 339 -16.89 -11.41 -17.17
N ALA A 340 -16.77 -10.09 -17.35
CA ALA A 340 -15.57 -9.52 -17.92
C ALA A 340 -14.52 -9.45 -16.83
N THR A 341 -13.36 -10.05 -17.10
CA THR A 341 -12.24 -10.09 -16.18
CA THR A 341 -12.23 -10.09 -16.18
C THR A 341 -11.07 -9.35 -16.82
N PHE A 342 -10.44 -8.46 -16.05
CA PHE A 342 -9.39 -7.57 -16.55
C PHE A 342 -8.02 -8.01 -16.05
N GLN A 343 -7.13 -8.25 -17.00
CA GLN A 343 -5.75 -8.67 -16.73
C GLN A 343 -4.83 -7.45 -16.83
N ASN A 344 -4.24 -7.03 -15.71
CA ASN A 344 -3.30 -5.90 -15.70
C ASN A 344 -1.99 -6.31 -15.04
N SER A 345 -0.88 -5.87 -15.62
CA SER A 345 0.44 -6.15 -15.07
C SER A 345 1.40 -5.00 -15.29
N THR A 346 2.42 -4.93 -14.45
CA THR A 346 3.48 -3.95 -14.60
C THR A 346 4.74 -4.43 -13.89
N ASP A 347 5.89 -3.98 -14.41
CA ASP A 347 7.13 -4.10 -13.68
C ASP A 347 7.25 -2.89 -12.75
N TYR A 348 7.98 -3.07 -11.65
CA TYR A 348 8.28 -1.98 -10.73
C TYR A 348 9.55 -2.30 -9.95
N VAL A 349 10.18 -1.27 -9.42
CA VAL A 349 11.40 -1.41 -8.63
C VAL A 349 11.02 -1.46 -7.17
N GLU A 350 11.29 -2.61 -6.53
CA GLU A 350 11.02 -2.80 -5.11
C GLU A 350 12.22 -2.35 -4.30
N THR A 351 11.99 -1.52 -3.29
CA THR A 351 13.03 -1.08 -2.37
C THR A 351 12.79 -1.70 -1.00
N LYS A 352 13.81 -2.41 -0.50
CA LYS A 352 13.81 -2.97 0.85
C LYS A 352 15.01 -2.43 1.61
N VAL A 353 14.78 -2.04 2.86
CA VAL A 353 15.71 -1.23 3.63
C VAL A 353 16.13 -1.95 4.92
N THR A 354 17.40 -1.79 5.28
CA THR A 354 17.96 -2.29 6.55
C THR A 354 18.80 -1.21 7.20
N ALA A 355 18.47 -0.88 8.46
CA ALA A 355 19.11 0.21 9.20
C ALA A 355 20.10 -0.29 10.23
N TYR A 356 21.17 0.49 10.41
CA TYR A 356 22.23 0.19 11.37
C TYR A 356 22.52 1.43 12.19
N ARG A 357 22.12 1.39 13.46
CA ARG A 357 22.20 2.55 14.35
C ARG A 357 23.66 2.97 14.56
N ASN A 358 23.88 4.28 14.63
CA ASN A 358 25.19 4.80 14.98
C ASN A 358 25.42 4.55 16.47
N GLY A 359 26.69 4.48 16.84
CA GLY A 359 27.07 4.22 18.23
C GLY A 359 28.28 5.00 18.65
N ASP A 360 28.53 5.00 19.95
CA ASP A 360 29.67 5.66 20.56
C ASP A 360 30.49 4.66 21.35
N LEU A 361 31.81 4.77 21.24
CA LEU A 361 32.75 4.00 22.04
C LEU A 361 33.42 4.93 23.03
N LEU A 362 33.17 4.72 24.32
CA LEU A 362 33.75 5.54 25.38
C LEU A 362 34.92 4.80 26.04
N LEU A 363 35.99 5.55 26.28
CA LEU A 363 37.16 5.04 26.99
C LEU A 363 37.36 5.83 28.27
N ASP A 364 37.55 5.12 29.38
CA ASP A 364 37.99 5.72 30.64
C ASP A 364 39.26 5.01 31.12
N HIS A 365 40.30 5.80 31.36
CA HIS A 365 41.56 5.29 31.89
C HIS A 365 41.76 5.90 33.27
N SER A 366 41.57 5.09 34.31
CA SER A 366 41.80 5.49 35.71
C SER A 366 42.77 4.55 36.42
N GLY A 367 43.73 4.05 35.67
CA GLY A 367 44.74 3.11 36.15
C GLY A 367 46.03 3.83 36.47
N ALA A 368 46.83 3.24 37.33
CA ALA A 368 48.14 3.80 37.71
C ALA A 368 49.24 3.25 36.80
N TYR A 369 49.06 3.43 35.50
CA TYR A 369 49.96 2.89 34.49
C TYR A 369 49.80 3.64 33.18
N VAL A 370 50.81 3.53 32.34
CA VAL A 370 50.68 3.95 30.95
C VAL A 370 49.94 2.85 30.23
N ALA A 371 48.88 3.21 29.50
CA ALA A 371 48.14 2.27 28.66
C ALA A 371 48.27 2.68 27.21
N GLN A 372 48.24 1.69 26.31
CA GLN A 372 48.12 1.92 24.87
C GLN A 372 46.89 1.24 24.37
N TYR A 373 46.13 1.93 23.51
CA TYR A 373 44.93 1.38 22.89
C TYR A 373 45.22 1.05 21.44
N TYR A 374 44.67 -0.06 20.97
CA TYR A 374 44.70 -0.42 19.56
C TYR A 374 43.28 -0.75 19.13
N ILE A 375 42.61 0.26 18.56
CA ILE A 375 41.21 0.18 18.18
C ILE A 375 41.16 0.29 16.67
N THR A 376 40.57 -0.73 16.03
N THR A 376 40.68 -0.77 16.01
CA THR A 376 40.56 -0.89 14.58
CA THR A 376 40.55 -0.79 14.55
C THR A 376 39.19 -1.39 14.12
C THR A 376 39.17 -1.31 14.15
N TRP A 377 38.74 -0.90 12.97
CA TRP A 377 37.46 -1.35 12.39
C TRP A 377 37.47 -1.19 10.88
N ASP A 378 36.42 -1.71 10.25
CA ASP A 378 36.18 -1.54 8.82
C ASP A 378 34.94 -0.70 8.63
N GLU A 379 34.97 0.19 7.65
CA GLU A 379 33.80 0.96 7.22
C GLU A 379 33.21 0.27 6.01
N LEU A 380 31.92 -0.06 6.09
CA LEU A 380 31.21 -0.72 5.02
C LEU A 380 30.62 0.32 4.06
N SER A 381 30.83 0.09 2.77
CA SER A 381 30.09 0.80 1.74
C SER A 381 29.91 -0.18 0.57
N TYR A 382 29.35 0.30 -0.54
CA TYR A 382 29.08 -0.56 -1.68
C TYR A 382 29.56 0.15 -2.94
N ASP A 383 30.29 -0.57 -3.78
CA ASP A 383 30.71 -0.06 -5.09
C ASP A 383 29.49 0.07 -6.01
N HIS A 384 29.69 0.59 -7.21
CA HIS A 384 28.59 0.83 -8.15
C HIS A 384 27.95 -0.45 -8.72
N GLN A 385 28.59 -1.59 -8.46
CA GLN A 385 27.98 -2.91 -8.66
C GLN A 385 26.99 -3.36 -7.59
N GLY A 386 27.09 -2.80 -6.39
CA GLY A 386 26.38 -3.33 -5.22
C GLY A 386 27.12 -4.42 -4.47
N LYS A 387 28.44 -4.49 -4.63
CA LYS A 387 29.27 -5.45 -3.91
C LYS A 387 29.97 -4.78 -2.73
N GLU A 388 30.19 -5.57 -1.68
CA GLU A 388 30.67 -5.05 -0.41
C GLU A 388 32.12 -4.60 -0.49
N VAL A 389 32.38 -3.41 0.04
CA VAL A 389 33.74 -2.90 0.19
C VAL A 389 33.96 -2.58 1.68
N LEU A 390 35.09 -3.04 2.20
CA LEU A 390 35.47 -2.83 3.59
C LEU A 390 36.79 -2.08 3.62
N THR A 391 36.71 -0.77 3.85
CA THR A 391 37.89 0.08 3.97
CA THR A 391 37.89 0.08 3.97
C THR A 391 38.34 0.15 5.43
N PRO A 392 39.60 -0.26 5.73
CA PRO A 392 40.03 -0.29 7.13
C PRO A 392 40.30 1.08 7.75
N LYS A 393 39.89 1.24 9.01
CA LYS A 393 40.07 2.46 9.78
C LYS A 393 40.73 2.15 11.12
N ALA A 394 41.28 3.19 11.73
CA ALA A 394 41.94 3.07 13.02
C ALA A 394 41.83 4.36 13.80
N TRP A 395 41.64 4.24 15.12
CA TRP A 395 41.58 5.40 15.99
C TRP A 395 42.91 6.16 15.90
N ASP A 396 42.82 7.48 15.78
CA ASP A 396 43.99 8.33 15.50
C ASP A 396 45.10 8.27 16.55
N ARG A 397 44.73 7.92 17.78
CA ARG A 397 45.68 7.85 18.90
C ARG A 397 46.17 6.42 19.21
N ASN A 398 46.03 5.50 18.25
CA ASN A 398 46.45 4.11 18.46
C ASN A 398 47.94 4.03 18.80
N GLY A 399 48.27 3.24 19.81
CA GLY A 399 49.67 3.04 20.23
C GLY A 399 50.32 4.15 21.04
N GLN A 400 49.63 5.27 21.24
CA GLN A 400 50.18 6.38 22.02
C GLN A 400 50.11 6.05 23.51
N ASP A 401 51.13 6.47 24.25
CA ASP A 401 51.18 6.29 25.69
C ASP A 401 50.18 7.22 26.35
N LEU A 402 49.15 6.65 26.99
CA LEU A 402 48.12 7.45 27.66
C LEU A 402 48.12 7.16 29.15
N THR A 403 47.88 8.21 29.93
CA THR A 403 47.87 8.11 31.39
C THR A 403 46.55 8.62 31.95
N ALA A 404 46.23 8.15 33.16
CA ALA A 404 45.04 8.60 33.88
C ALA A 404 45.19 10.07 34.30
N HIS A 405 44.10 10.83 34.43
CA HIS A 405 42.75 10.41 34.03
C HIS A 405 42.54 10.78 32.57
N PHE A 406 42.32 9.77 31.74
CA PHE A 406 42.02 9.98 30.31
C PHE A 406 40.62 9.47 29.99
N THR A 407 39.83 10.32 29.33
CA THR A 407 38.52 9.94 28.81
C THR A 407 38.40 10.43 27.37
N THR A 408 37.63 9.69 26.57
CA THR A 408 37.24 10.15 25.23
C THR A 408 36.03 9.37 24.74
N SER A 409 35.41 9.92 23.71
CA SER A 409 34.28 9.30 23.04
C SER A 409 34.62 9.23 21.55
N ILE A 410 34.53 8.03 20.99
CA ILE A 410 34.82 7.78 19.58
C ILE A 410 33.49 7.49 18.88
N PRO A 411 32.96 8.44 18.09
CA PRO A 411 31.71 8.21 17.39
C PRO A 411 31.88 7.23 16.22
N LEU A 412 31.13 6.13 16.26
CA LEU A 412 31.19 5.08 15.24
C LEU A 412 29.85 5.02 14.55
N LYS A 413 29.83 5.36 13.25
CA LYS A 413 28.58 5.35 12.49
C LYS A 413 28.13 3.93 12.18
N GLY A 414 26.89 3.80 11.74
CA GLY A 414 26.25 2.49 11.52
C GLY A 414 26.97 1.55 10.55
N ASN A 415 27.74 2.12 9.64
CA ASN A 415 28.53 1.34 8.66
C ASN A 415 29.85 0.74 9.20
N VAL A 416 30.11 0.90 10.50
CA VAL A 416 31.30 0.31 11.13
C VAL A 416 31.09 -1.20 11.30
N ARG A 417 32.11 -1.97 10.91
CA ARG A 417 32.10 -3.43 10.99
C ARG A 417 33.44 -3.92 11.55
N ASN A 418 33.44 -5.12 12.10
CA ASN A 418 34.66 -5.78 12.59
C ASN A 418 35.44 -4.90 13.59
N LEU A 419 34.74 -4.35 14.56
CA LEU A 419 35.36 -3.50 15.58
C LEU A 419 36.20 -4.36 16.52
N SER A 420 37.51 -4.08 16.58
CA SER A 420 38.41 -4.77 17.49
C SER A 420 39.09 -3.77 18.42
N VAL A 421 39.15 -4.10 19.70
CA VAL A 421 39.79 -3.25 20.69
C VAL A 421 40.79 -4.10 21.50
N LYS A 422 42.05 -3.68 21.48
CA LYS A 422 43.06 -4.27 22.35
C LYS A 422 43.67 -3.17 23.23
N ILE A 423 43.79 -3.47 24.52
CA ILE A 423 44.35 -2.53 25.49
C ILE A 423 45.47 -3.23 26.25
N ARG A 424 46.62 -2.59 26.31
CA ARG A 424 47.73 -3.10 27.11
C ARG A 424 48.25 -1.99 28.01
N GLU A 425 48.87 -2.40 29.11
CA GLU A 425 49.44 -1.45 30.09
C GLU A 425 50.89 -1.81 30.41
N CYS A 426 51.69 -0.77 30.63
CA CYS A 426 53.10 -0.96 30.93
C CYS A 426 53.30 -1.29 32.40
N THR A 427 53.70 -2.52 32.67
CA THR A 427 53.83 -2.98 34.05
C THR A 427 55.07 -2.41 34.73
N GLY A 428 56.02 -1.92 33.95
CA GLY A 428 57.31 -1.46 34.47
C GLY A 428 58.29 -2.58 34.82
N LEU A 429 57.92 -3.83 34.52
CA LEU A 429 58.76 -4.98 34.77
C LEU A 429 59.56 -5.27 33.51
N ALA A 430 60.89 -5.24 33.61
CA ALA A 430 61.78 -5.49 32.46
C ALA A 430 61.50 -6.80 31.73
N TRP A 431 61.11 -7.79 32.46
CA TRP A 431 60.76 -9.10 31.98
CA TRP A 431 60.80 -9.00 31.88
C TRP A 431 59.29 -9.50 31.42
N GLU A 432 58.50 -8.47 31.81
CA GLU A 432 57.13 -8.49 31.30
C GLU A 432 56.63 -7.05 31.15
N TRP A 433 57.13 -6.38 30.12
CA TRP A 433 56.92 -4.93 29.95
C TRP A 433 55.45 -4.56 29.70
N TRP A 434 54.83 -5.25 28.76
CA TRP A 434 53.43 -5.04 28.42
C TRP A 434 52.56 -6.18 28.90
N ARG A 435 51.41 -5.84 29.50
CA ARG A 435 50.37 -6.80 29.82
C ARG A 435 49.07 -6.38 29.17
N THR A 436 48.42 -7.36 28.53
CA THR A 436 47.14 -7.13 27.86
C THR A 436 46.03 -7.09 28.91
N VAL A 437 45.33 -5.96 28.95
CA VAL A 437 44.19 -5.75 29.85
C VAL A 437 42.88 -6.19 29.21
N TYR A 438 42.74 -5.94 27.91
CA TYR A 438 41.48 -6.16 27.18
C TYR A 438 41.81 -6.49 25.72
N GLU A 439 41.12 -7.46 25.14
CA GLU A 439 41.34 -7.88 23.76
C GLU A 439 40.11 -8.60 23.23
N LYS A 440 39.29 -7.89 22.49
CA LYS A 440 38.09 -8.47 21.89
C LYS A 440 37.97 -8.03 20.44
N THR A 441 37.51 -8.96 19.60
CA THR A 441 37.36 -8.73 18.16
CA THR A 441 37.36 -8.71 18.17
C THR A 441 35.89 -8.84 17.78
N ASP A 442 35.50 -8.14 16.72
CA ASP A 442 34.12 -8.15 16.22
C ASP A 442 33.12 -7.77 17.31
N LEU A 443 33.40 -6.66 17.98
CA LEU A 443 32.52 -6.14 19.03
C LEU A 443 31.21 -5.67 18.40
N PRO A 444 30.04 -6.11 18.93
CA PRO A 444 28.76 -5.60 18.44
C PRO A 444 28.65 -4.09 18.57
N LEU A 445 28.20 -3.43 17.50
CA LEU A 445 28.07 -1.97 17.49
C LEU A 445 26.81 -1.54 18.24
N VAL A 446 26.91 -1.56 19.56
CA VAL A 446 25.82 -1.13 20.45
C VAL A 446 25.77 0.39 20.47
N ARG A 447 24.66 0.94 20.98
CA ARG A 447 24.48 2.39 21.00
C ARG A 447 25.56 3.10 21.82
N LYS A 448 25.93 2.50 22.95
CA LYS A 448 26.94 3.06 23.82
C LYS A 448 27.75 1.97 24.53
N ARG A 449 29.05 1.94 24.28
CA ARG A 449 29.95 1.02 24.98
C ARG A 449 31.01 1.82 25.71
N THR A 450 31.16 1.54 27.01
CA THR A 450 32.17 2.18 27.84
C THR A 450 33.17 1.14 28.32
N ILE A 451 34.41 1.26 27.85
CA ILE A 451 35.49 0.40 28.30
C ILE A 451 36.31 1.21 29.30
N SER A 452 36.26 0.78 30.56
CA SER A 452 36.95 1.46 31.65
C SER A 452 38.08 0.60 32.15
N ILE A 453 39.26 1.18 32.32
CA ILE A 453 40.39 0.46 32.90
C ILE A 453 40.87 1.17 34.17
N TRP A 454 41.29 0.39 35.15
CA TRP A 454 41.80 0.95 36.39
C TRP A 454 42.75 -0.03 37.07
N GLY A 455 43.05 0.21 38.35
CA GLY A 455 43.93 -0.68 39.11
C GLY A 455 45.37 -0.27 38.92
N THR A 456 46.27 -1.22 39.13
CA THR A 456 47.70 -0.96 39.18
C THR A 456 48.45 -1.69 38.07
N THR A 457 49.75 -1.42 37.97
CA THR A 457 50.61 -2.09 36.99
C THR A 457 50.58 -3.61 37.14
N LEU A 458 50.49 -4.06 38.39
CA LEU A 458 50.50 -5.49 38.72
CA LEU A 458 50.50 -5.49 38.74
C LEU A 458 49.11 -6.11 38.72
N TYR A 459 48.09 -5.32 39.07
CA TYR A 459 46.72 -5.83 39.16
C TYR A 459 45.76 -4.90 38.42
N PRO A 460 45.87 -4.84 37.08
CA PRO A 460 44.95 -3.98 36.34
C PRO A 460 43.55 -4.58 36.32
N GLN A 461 42.56 -3.72 36.17
CA GLN A 461 41.16 -4.16 36.09
C GLN A 461 40.51 -3.50 34.90
N VAL A 462 39.42 -4.11 34.42
CA VAL A 462 38.69 -3.63 33.26
C VAL A 462 37.18 -3.90 33.42
N GLU A 463 36.38 -2.98 32.87
CA GLU A 463 34.94 -3.17 32.75
C GLU A 463 34.54 -2.79 31.34
N ASP A 464 33.67 -3.60 30.75
CA ASP A 464 33.09 -3.36 29.42
C ASP A 464 31.59 -3.21 29.65
N LYS A 465 31.15 -1.95 29.68
CA LYS A 465 29.76 -1.61 29.99
C LYS A 465 29.01 -1.31 28.68
N VAL A 466 27.92 -2.04 28.46
CA VAL A 466 27.07 -1.84 27.28
C VAL A 466 25.79 -1.13 27.72
N GLU A 467 25.33 -0.20 26.89
CA GLU A 467 23.99 0.38 26.98
C GLU A 467 23.41 0.34 25.57
N ASN A 468 22.34 -0.45 25.40
CA ASN A 468 21.78 -0.71 24.07
C ASN A 468 20.26 -0.95 24.09
N ASP A 469 19.54 0.06 24.58
CA ASP A 469 18.07 0.04 24.58
C ASP A 469 17.51 0.84 23.42
C1 GOL B . -13.45 -12.79 -35.39
O1 GOL B . -14.10 -11.53 -35.21
C2 GOL B . -12.08 -12.77 -34.70
O2 GOL B . -12.22 -13.20 -33.34
C3 GOL B . -11.07 -13.66 -35.42
O3 GOL B . -11.61 -14.93 -35.82
C1 GOL C . -10.64 -6.16 -7.02
O1 GOL C . -11.54 -6.76 -6.08
C2 GOL C . -10.06 -4.87 -6.43
O2 GOL C . -8.68 -5.07 -6.11
C3 GOL C . -10.22 -3.68 -7.39
O3 GOL C . -9.03 -3.42 -8.16
C1 GOL D . 57.07 4.64 29.84
O1 GOL D . 57.25 4.22 31.20
C2 GOL D . 56.70 3.45 28.97
O2 GOL D . 55.79 2.59 29.67
C3 GOL D . 56.00 3.93 27.70
O3 GOL D . 55.68 2.84 26.84
C1 GOL E . 48.88 -4.07 18.24
O1 GOL E . 49.65 -3.05 17.59
C2 GOL E . 49.81 -5.04 18.97
O2 GOL E . 50.98 -4.38 19.45
C3 GOL E . 49.09 -5.63 20.16
O3 GOL E . 49.97 -6.42 20.97
#